data_3M6H
#
_entry.id   3M6H
#
_cell.length_a   49.934
_cell.length_b   67.830
_cell.length_c   75.201
_cell.angle_alpha   90.000
_cell.angle_beta   90.000
_cell.angle_gamma   90.000
#
_symmetry.space_group_name_H-M   'P 21 21 21'
#
loop_
_entity.id
_entity.type
_entity.pdbx_description
1 polymer Beta-lactamase
2 non-polymer 'PHOSPHATE ION'
3 non-polymer '(2S,3R,4S)-4-({(3S,5S)-5-[(3-carboxyphenyl)carbamoyl]pyrrolidin-3-yl}sulfanyl)-2-[(1S,2R)-1-formyl-2-hydroxypropyl]-3-methyl-3,4-dihydro-2H-pyrrole-5-carboxylic acid'
4 water water
#
_entity_poly.entity_id   1
_entity_poly.type   'polypeptide(L)'
_entity_poly.pdbx_seq_one_letter_code
;DLADRFAELERRYDARLGVYVPATGTTAAIEYRADERFAFCSTFKAPLVAAVLHQNPLTHLDKLITYTSDDIRSISPVAQ
QHVQTGMTIGQLCDAAIRYSDGTAANLLLADLGGPGGGTAAFTGYLRSLGDTVSRLDAEEPELNRDPPGDERDTTTPHAI
ALVLQQLVLGNALPPDKRALLTDWMARNTTGAKRIRAGFPADWKVIDKTGTGDYGRANDIAVVWSPTGVPYVVAVMSDRA
GGGYDAEPREALLAEAATCVAGVLA
;
_entity_poly.pdbx_strand_id   A
#
loop_
_chem_comp.id
_chem_comp.type
_chem_comp.name
_chem_comp.formula
2RG non-polymer '(2S,3R,4S)-4-({(3S,5S)-5-[(3-carboxyphenyl)carbamoyl]pyrrolidin-3-yl}sulfanyl)-2-[(1S,2R)-1-formyl-2-hydroxypropyl]-3-methyl-3,4-dihydro-2H-pyrrole-5-carboxylic acid' 'C22 H27 N3 O7 S'
PO4 non-polymer 'PHOSPHATE ION' 'O4 P -3'
#
# COMPACT_ATOMS: atom_id res chain seq x y z
N ASP A 1 -0.77 27.91 -3.83
CA ASP A 1 -1.95 27.05 -4.13
C ASP A 1 -1.51 25.59 -4.25
N LEU A 2 -2.14 24.70 -3.46
CA LEU A 2 -1.72 23.30 -3.39
C LEU A 2 -1.86 22.52 -4.70
N ALA A 3 -2.99 22.70 -5.38
CA ALA A 3 -3.24 22.07 -6.69
C ALA A 3 -2.20 22.46 -7.74
N ASP A 4 -1.81 23.74 -7.72
CA ASP A 4 -0.74 24.29 -8.55
C ASP A 4 0.60 23.62 -8.29
N ARG A 5 0.94 23.45 -7.01
CA ARG A 5 2.15 22.75 -6.63
C ARG A 5 2.17 21.29 -7.12
N PHE A 6 1.07 20.58 -6.94
CA PHE A 6 0.96 19.20 -7.43
C PHE A 6 1.08 19.15 -8.96
N ALA A 7 0.48 20.12 -9.66
CA ALA A 7 0.64 20.22 -11.12
C ALA A 7 2.10 20.52 -11.53
N GLU A 8 2.80 21.38 -10.79
CA GLU A 8 4.22 21.64 -11.04
C GLU A 8 5.03 20.33 -10.95
N LEU A 9 4.73 19.50 -9.94
CA LEU A 9 5.40 18.22 -9.76
C LEU A 9 5.11 17.24 -10.89
N GLU A 10 3.89 17.21 -11.41
CA GLU A 10 3.57 16.35 -12.55
C GLU A 10 4.39 16.72 -13.80
N ARG A 11 4.48 18.02 -14.09
CA ARG A 11 5.33 18.48 -15.20
C ARG A 11 6.82 18.18 -14.97
N ARG A 12 7.29 18.38 -13.74
CA ARG A 12 8.70 18.08 -13.36
C ARG A 12 9.10 16.63 -13.62
N TYR A 13 8.20 15.70 -13.32
CA TYR A 13 8.51 14.28 -13.37
C TYR A 13 7.79 13.56 -14.54
N ASP A 14 7.21 14.32 -15.46
CA ASP A 14 6.37 13.76 -16.54
C ASP A 14 5.43 12.68 -15.99
N ALA A 15 4.73 13.01 -14.92
CA ALA A 15 3.98 12.03 -14.16
C ALA A 15 2.50 12.39 -14.04
N ARG A 16 1.72 11.39 -13.65
CA ARG A 16 0.37 11.61 -13.21
C ARG A 16 0.43 11.32 -11.72
N LEU A 17 -0.13 12.22 -10.93
CA LEU A 17 -0.04 12.17 -9.47
C LEU A 17 -1.41 12.18 -8.81
N GLY A 18 -1.60 11.28 -7.85
CA GLY A 18 -2.85 11.25 -7.08
C GLY A 18 -2.57 11.41 -5.59
N VAL A 19 -3.33 12.28 -4.93
CA VAL A 19 -3.16 12.54 -3.49
C VAL A 19 -4.51 12.54 -2.82
N TYR A 20 -4.62 11.85 -1.68
CA TYR A 20 -5.78 12.06 -0.80
C TYR A 20 -5.38 12.02 0.67
N VAL A 21 -5.90 13.00 1.42
CA VAL A 21 -5.84 12.98 2.90
C VAL A 21 -7.27 13.17 3.38
N PRO A 22 -7.86 12.16 4.07
CA PRO A 22 -9.22 12.36 4.54
C PRO A 22 -9.34 13.57 5.46
N ALA A 23 -10.50 14.20 5.40
CA ALA A 23 -10.87 15.26 6.31
C ALA A 23 -10.85 14.80 7.77
N THR A 24 -10.49 15.72 8.67
CA THR A 24 -10.57 15.52 10.12
C THR A 24 -11.49 16.58 10.74
N GLY A 25 -11.37 16.72 12.06
CA GLY A 25 -12.04 17.78 12.80
C GLY A 25 -11.90 19.16 12.19
N THR A 26 -10.67 19.62 12.04
CA THR A 26 -10.45 20.98 11.56
C THR A 26 -9.68 21.08 10.23
N THR A 27 -9.29 19.93 9.67
CA THR A 27 -8.60 19.94 8.37
C THR A 27 -9.55 19.43 7.29
N ALA A 28 -9.66 20.17 6.18
CA ALA A 28 -10.45 19.72 5.05
C ALA A 28 -9.69 18.58 4.35
N ALA A 29 -10.43 17.74 3.64
CA ALA A 29 -9.85 16.71 2.78
C ALA A 29 -8.86 17.36 1.82
N ILE A 30 -7.72 16.71 1.61
CA ILE A 30 -6.79 17.14 0.56
C ILE A 30 -7.00 16.17 -0.60
N GLU A 31 -7.24 16.69 -1.78
CA GLU A 31 -7.51 15.81 -2.90
C GLU A 31 -6.97 16.35 -4.21
N TYR A 32 -6.22 15.50 -4.92
CA TYR A 32 -5.71 15.82 -6.22
C TYR A 32 -5.78 14.56 -7.07
N ARG A 33 -6.60 14.60 -8.12
CA ARG A 33 -6.87 13.39 -8.91
C ARG A 33 -7.27 12.21 -8.01
N ALA A 34 -7.88 12.50 -6.87
CA ALA A 34 -8.04 11.50 -5.79
C ALA A 34 -9.01 10.39 -6.17
N ASP A 35 -9.85 10.65 -7.18
CA ASP A 35 -10.80 9.64 -7.60
C ASP A 35 -10.41 8.97 -8.91
N GLU A 36 -9.21 9.29 -9.43
CA GLU A 36 -8.69 8.58 -10.62
C GLU A 36 -8.09 7.26 -10.19
N ARG A 37 -8.17 6.25 -11.07
CA ARG A 37 -7.61 4.94 -10.75
C ARG A 37 -6.11 4.93 -10.97
N PHE A 38 -5.41 4.33 -10.00
CA PHE A 38 -3.98 4.05 -10.10
C PHE A 38 -3.79 2.58 -9.72
N ALA A 39 -2.82 1.91 -10.36
CA ALA A 39 -2.43 0.54 -9.96
C ALA A 39 -2.14 0.52 -8.47
N PHE A 40 -2.65 -0.48 -7.76
CA PHE A 40 -2.26 -0.78 -6.37
C PHE A 40 -0.73 -0.94 -6.23
N CYS A 41 -0.14 -1.67 -7.19
CA CYS A 41 1.14 -2.32 -6.96
C CYS A 41 1.12 -2.93 -5.54
N SER A 42 2.21 -2.85 -4.80
CA SER A 42 2.29 -3.58 -3.52
C SER A 42 1.46 -2.99 -2.40
N THR A 43 0.85 -1.82 -2.62
CA THR A 43 0.05 -1.24 -1.54
C THR A 43 -1.10 -2.15 -1.11
N PHE A 44 -1.52 -3.08 -1.98
CA PHE A 44 -2.59 -4.04 -1.61
C PHE A 44 -2.23 -4.93 -0.43
N LYS A 45 -0.92 -5.10 -0.20
CA LYS A 45 -0.42 -6.00 0.85
C LYS A 45 -0.80 -5.58 2.26
N ALA A 46 -1.05 -4.29 2.47
CA ALA A 46 -1.54 -3.83 3.78
C ALA A 46 -2.96 -4.34 4.06
N PRO A 47 -3.96 -4.00 3.21
CA PRO A 47 -5.24 -4.70 3.44
C PRO A 47 -5.25 -6.22 3.25
N LEU A 48 -4.31 -6.78 2.50
CA LEU A 48 -4.19 -8.25 2.42
C LEU A 48 -3.87 -8.85 3.79
N VAL A 49 -2.89 -8.27 4.47
CA VAL A 49 -2.51 -8.76 5.81
C VAL A 49 -3.67 -8.57 6.79
N ALA A 50 -4.37 -7.44 6.70
CA ALA A 50 -5.62 -7.24 7.46
C ALA A 50 -6.66 -8.34 7.20
N ALA A 51 -6.89 -8.67 5.93
CA ALA A 51 -7.83 -9.71 5.56
C ALA A 51 -7.46 -11.04 6.21
N VAL A 52 -6.16 -11.40 6.14
CA VAL A 52 -5.67 -12.66 6.71
C VAL A 52 -5.79 -12.66 8.26
N LEU A 53 -5.44 -11.53 8.88
CA LEU A 53 -5.58 -11.40 10.32
C LEU A 53 -7.05 -11.55 10.72
N HIS A 54 -7.93 -10.84 10.01
CA HIS A 54 -9.35 -10.87 10.31
C HIS A 54 -9.95 -12.27 10.22
N GLN A 55 -9.52 -13.01 9.19
CA GLN A 55 -10.14 -14.27 8.80
C GLN A 55 -9.83 -15.41 9.75
N ASN A 56 -8.75 -15.27 10.53
CA ASN A 56 -8.27 -16.40 11.32
C ASN A 56 -8.05 -16.07 12.80
N PRO A 57 -8.00 -17.10 13.67
CA PRO A 57 -7.51 -16.83 15.04
C PRO A 57 -6.10 -16.26 14.99
N LEU A 58 -5.72 -15.47 16.00
CA LEU A 58 -4.40 -14.88 16.04
C LEU A 58 -3.26 -15.91 15.88
N THR A 59 -3.43 -17.11 16.44
CA THR A 59 -2.36 -18.11 16.41
C THR A 59 -2.16 -18.83 15.07
N HIS A 60 -3.01 -18.50 14.10
CA HIS A 60 -2.76 -18.86 12.70
C HIS A 60 -1.43 -18.28 12.22
N LEU A 61 -0.98 -17.19 12.84
CA LEU A 61 0.35 -16.63 12.56
C LEU A 61 1.50 -17.62 12.77
N ASP A 62 1.24 -18.66 13.55
CA ASP A 62 2.27 -19.65 13.87
C ASP A 62 2.24 -20.88 12.94
N LYS A 63 1.31 -20.87 11.98
CA LYS A 63 1.26 -21.95 10.99
C LYS A 63 2.40 -21.84 9.97
N LEU A 64 3.15 -22.93 9.79
CA LEU A 64 4.25 -22.95 8.84
C LEU A 64 3.75 -23.23 7.42
N ILE A 65 4.19 -22.38 6.48
CA ILE A 65 3.83 -22.52 5.07
C ILE A 65 5.10 -22.89 4.31
N THR A 66 5.04 -23.97 3.55
CA THR A 66 6.16 -24.42 2.74
C THR A 66 5.93 -24.01 1.29
N TYR A 67 7.02 -23.77 0.56
CA TYR A 67 6.94 -23.39 -0.85
C TYR A 67 8.27 -23.76 -1.50
N THR A 68 8.33 -23.67 -2.83
CA THR A 68 9.54 -24.05 -3.58
C THR A 68 9.95 -23.10 -4.72
N SER A 69 10.84 -23.59 -5.57
CA SER A 69 11.42 -22.82 -6.67
C SER A 69 10.34 -22.17 -7.49
N ASP A 70 9.35 -22.96 -7.91
CA ASP A 70 8.34 -22.45 -8.85
C ASP A 70 7.34 -21.46 -8.22
N ASP A 71 7.47 -21.21 -6.92
CA ASP A 71 6.67 -20.22 -6.19
C ASP A 71 7.32 -18.85 -6.14
N ILE A 72 8.61 -18.78 -6.49
CA ILE A 72 9.33 -17.50 -6.48
C ILE A 72 9.29 -16.89 -7.89
N ARG A 73 8.40 -15.92 -8.10
CA ARG A 73 8.06 -15.46 -9.44
C ARG A 73 8.13 -13.95 -9.54
N SER A 74 8.56 -13.31 -8.46
CA SER A 74 8.57 -11.86 -8.34
C SER A 74 9.64 -11.46 -7.29
N ILE A 75 9.90 -10.16 -7.16
CA ILE A 75 10.82 -9.61 -6.14
C ILE A 75 10.39 -10.13 -4.77
N SER A 76 11.30 -10.86 -4.12
CA SER A 76 11.03 -11.58 -2.87
C SER A 76 12.28 -11.60 -1.94
N PRO A 77 12.61 -10.45 -1.33
CA PRO A 77 13.88 -10.32 -0.60
C PRO A 77 14.00 -11.27 0.59
N VAL A 78 12.85 -11.68 1.13
CA VAL A 78 12.82 -12.56 2.30
C VAL A 78 12.55 -14.02 1.92
N ALA A 79 11.45 -14.26 1.19
CA ALA A 79 11.08 -15.61 0.79
C ALA A 79 12.20 -16.39 0.08
N GLN A 80 13.03 -15.71 -0.71
CA GLN A 80 14.17 -16.37 -1.37
C GLN A 80 15.14 -16.99 -0.34
N GLN A 81 15.30 -16.31 0.80
CA GLN A 81 16.17 -16.75 1.92
C GLN A 81 15.66 -17.92 2.73
N HIS A 82 14.36 -18.18 2.68
CA HIS A 82 13.74 -19.17 3.58
C HIS A 82 13.11 -20.33 2.83
N VAL A 83 13.32 -20.36 1.53
CA VAL A 83 12.68 -21.37 0.68
C VAL A 83 12.95 -22.82 1.15
N GLN A 84 14.14 -23.06 1.70
CA GLN A 84 14.52 -24.41 2.10
C GLN A 84 13.80 -24.90 3.38
N THR A 85 13.28 -23.97 4.18
CA THR A 85 12.68 -24.30 5.49
C THR A 85 11.20 -23.93 5.65
N GLY A 86 10.71 -23.03 4.80
CA GLY A 86 9.35 -22.51 4.95
C GLY A 86 9.27 -21.24 5.77
N MET A 87 8.07 -20.65 5.84
CA MET A 87 7.85 -19.43 6.61
C MET A 87 6.48 -19.50 7.25
N THR A 88 6.37 -19.05 8.50
CA THR A 88 5.05 -19.03 9.15
C THR A 88 4.20 -17.90 8.53
N ILE A 89 2.89 -17.96 8.73
CA ILE A 89 1.99 -16.87 8.32
C ILE A 89 2.46 -15.52 8.89
N GLY A 90 2.95 -15.53 10.13
CA GLY A 90 3.45 -14.32 10.79
C GLY A 90 4.65 -13.76 10.03
N GLN A 91 5.59 -14.64 9.69
CA GLN A 91 6.77 -14.27 8.87
C GLN A 91 6.40 -13.70 7.51
N LEU A 92 5.44 -14.35 6.85
CA LEU A 92 4.89 -13.90 5.56
C LEU A 92 4.24 -12.52 5.65
N CYS A 93 3.40 -12.30 6.67
CA CYS A 93 2.84 -10.95 6.89
C CYS A 93 3.95 -9.93 7.09
N ASP A 94 4.95 -10.31 7.87
CA ASP A 94 6.07 -9.44 8.16
C ASP A 94 6.83 -9.08 6.87
N ALA A 95 7.22 -10.11 6.10
CA ALA A 95 7.92 -9.94 4.81
C ALA A 95 7.10 -9.14 3.80
N ALA A 96 5.81 -9.43 3.73
CA ALA A 96 4.92 -8.74 2.78
C ALA A 96 4.86 -7.23 3.01
N ILE A 97 4.77 -6.81 4.27
CA ILE A 97 4.68 -5.39 4.59
C ILE A 97 6.08 -4.75 4.61
N ARG A 98 6.98 -5.29 5.42
CA ARG A 98 8.23 -4.62 5.75
C ARG A 98 9.26 -4.68 4.61
N TYR A 99 9.19 -5.74 3.80
CA TYR A 99 10.10 -5.87 2.64
C TYR A 99 9.41 -5.87 1.27
N SER A 100 8.08 -5.75 1.31
CA SER A 100 7.24 -5.80 0.11
C SER A 100 7.54 -7.06 -0.70
N ASP A 101 7.62 -8.18 0.01
CA ASP A 101 7.97 -9.45 -0.58
C ASP A 101 6.80 -9.93 -1.43
N GLY A 102 7.06 -10.20 -2.72
CA GLY A 102 5.99 -10.62 -3.64
C GLY A 102 5.51 -12.06 -3.46
N THR A 103 6.45 -12.97 -3.20
CA THR A 103 6.12 -14.36 -2.91
C THR A 103 5.27 -14.46 -1.63
N ALA A 104 5.63 -13.69 -0.60
CA ALA A 104 4.87 -13.70 0.65
C ALA A 104 3.41 -13.25 0.39
N ALA A 105 3.25 -12.25 -0.47
CA ALA A 105 1.91 -11.79 -0.87
C ALA A 105 1.13 -12.87 -1.60
N ASN A 106 1.77 -13.58 -2.53
CA ASN A 106 1.10 -14.67 -3.24
C ASN A 106 0.67 -15.78 -2.31
N LEU A 107 1.57 -16.13 -1.38
CA LEU A 107 1.26 -17.19 -0.40
C LEU A 107 0.15 -16.74 0.55
N LEU A 108 0.08 -15.45 0.82
CA LEU A 108 -0.96 -14.93 1.71
C LEU A 108 -2.31 -14.91 0.97
N LEU A 109 -2.29 -14.57 -0.32
CA LEU A 109 -3.50 -14.65 -1.15
C LEU A 109 -4.05 -16.08 -1.17
N ALA A 110 -3.16 -17.03 -1.37
CA ALA A 110 -3.51 -18.46 -1.39
C ALA A 110 -4.07 -18.92 -0.03
N ASP A 111 -3.56 -18.34 1.05
CA ASP A 111 -4.06 -18.64 2.39
C ASP A 111 -5.51 -18.17 2.53
N LEU A 112 -5.78 -16.95 2.09
CA LEU A 112 -7.12 -16.39 2.10
C LEU A 112 -8.08 -17.23 1.26
N GLY A 113 -7.59 -17.66 0.08
CA GLY A 113 -8.24 -18.71 -0.71
C GLY A 113 -9.40 -18.26 -1.58
N GLY A 114 -10.13 -19.25 -2.11
CA GLY A 114 -11.23 -18.96 -3.03
C GLY A 114 -10.77 -18.60 -4.44
N PRO A 115 -11.71 -18.18 -5.31
CA PRO A 115 -11.43 -17.92 -6.74
C PRO A 115 -10.30 -16.91 -6.99
N GLY A 116 -9.68 -17.03 -8.16
CA GLY A 116 -8.61 -16.11 -8.55
C GLY A 116 -7.35 -16.21 -7.71
N GLY A 117 -7.09 -17.37 -7.12
CA GLY A 117 -5.94 -17.53 -6.21
C GLY A 117 -6.00 -16.64 -4.96
N GLY A 118 -7.20 -16.21 -4.60
CA GLY A 118 -7.39 -15.38 -3.40
C GLY A 118 -7.77 -13.94 -3.71
N THR A 119 -7.74 -13.57 -5.00
CA THR A 119 -7.98 -12.18 -5.43
C THR A 119 -9.42 -11.75 -5.28
N ALA A 120 -10.36 -12.68 -5.54
CA ALA A 120 -11.79 -12.42 -5.33
C ALA A 120 -12.11 -12.18 -3.84
N ALA A 121 -11.56 -13.00 -2.95
CA ALA A 121 -11.71 -12.82 -1.49
C ALA A 121 -11.06 -11.54 -1.00
N PHE A 122 -9.90 -11.20 -1.56
CA PHE A 122 -9.27 -9.93 -1.21
C PHE A 122 -10.17 -8.73 -1.56
N THR A 123 -10.69 -8.74 -2.78
CA THR A 123 -11.59 -7.70 -3.25
C THR A 123 -12.87 -7.69 -2.38
N GLY A 124 -13.36 -8.87 -2.01
CA GLY A 124 -14.53 -8.98 -1.13
C GLY A 124 -14.28 -8.37 0.24
N TYR A 125 -13.05 -8.52 0.76
CA TYR A 125 -12.65 -7.85 1.98
C TYR A 125 -12.74 -6.30 1.89
N LEU A 126 -12.24 -5.73 0.80
CA LEU A 126 -12.38 -4.27 0.60
C LEU A 126 -13.86 -3.88 0.49
N ARG A 127 -14.64 -4.69 -0.22
CA ARG A 127 -16.08 -4.42 -0.34
C ARG A 127 -16.72 -4.36 1.05
N SER A 128 -16.28 -5.22 1.96
CA SER A 128 -16.87 -5.23 3.33
C SER A 128 -16.55 -3.95 4.10
N LEU A 129 -15.50 -3.24 3.66
CA LEU A 129 -15.10 -1.99 4.27
C LEU A 129 -15.69 -0.80 3.53
N GLY A 130 -16.58 -1.06 2.59
CA GLY A 130 -17.33 0.01 1.92
C GLY A 130 -16.62 0.55 0.70
N ASP A 131 -15.53 -0.12 0.30
CA ASP A 131 -14.79 0.24 -0.90
C ASP A 131 -15.42 -0.48 -2.10
N THR A 132 -16.17 0.28 -2.88
CA THR A 132 -16.84 -0.25 -4.08
C THR A 132 -16.06 0.06 -5.36
N VAL A 133 -14.84 0.56 -5.20
CA VAL A 133 -14.01 1.06 -6.31
C VAL A 133 -12.86 0.11 -6.64
N SER A 134 -12.06 -0.26 -5.63
CA SER A 134 -10.82 -1.04 -5.85
C SER A 134 -11.10 -2.46 -6.35
N ARG A 135 -10.14 -3.04 -7.06
CA ARG A 135 -10.23 -4.44 -7.50
C ARG A 135 -8.85 -5.06 -7.66
N LEU A 136 -8.70 -6.30 -7.21
CA LEU A 136 -7.49 -7.07 -7.46
C LEU A 136 -7.90 -8.22 -8.35
N ASP A 137 -7.13 -8.46 -9.41
CA ASP A 137 -7.52 -9.39 -10.46
C ASP A 137 -6.43 -10.43 -10.70
N ALA A 138 -5.21 -10.13 -10.27
CA ALA A 138 -4.07 -10.98 -10.57
C ALA A 138 -3.17 -11.05 -9.35
N GLU A 139 -2.27 -12.02 -9.35
CA GLU A 139 -1.27 -12.07 -8.32
C GLU A 139 0.06 -11.55 -8.85
N GLU A 140 1.10 -11.65 -8.03
CA GLU A 140 2.44 -11.21 -8.43
C GLU A 140 3.02 -12.21 -9.45
N PRO A 141 3.76 -11.69 -10.46
CA PRO A 141 4.05 -10.29 -10.77
C PRO A 141 3.02 -9.58 -11.68
N GLU A 142 2.04 -10.31 -12.19
CA GLU A 142 1.12 -9.74 -13.20
C GLU A 142 0.30 -8.54 -12.74
N LEU A 143 0.03 -8.45 -11.44
CA LEU A 143 -0.76 -7.33 -10.92
C LEU A 143 -0.16 -5.93 -11.10
N ASN A 144 1.16 -5.83 -11.33
CA ASN A 144 1.88 -4.55 -11.55
C ASN A 144 2.02 -4.12 -13.02
N ARG A 145 1.52 -4.99 -13.91
CA ARG A 145 1.78 -4.90 -15.37
C ARG A 145 0.62 -4.48 -16.27
N ASP A 146 -0.57 -4.26 -15.71
CA ASP A 146 -1.69 -3.75 -16.52
C ASP A 146 -1.33 -2.41 -17.18
N PRO A 147 -1.71 -2.23 -18.47
CA PRO A 147 -1.35 -0.98 -19.15
C PRO A 147 -2.02 0.25 -18.52
N PRO A 148 -1.47 1.47 -18.75
CA PRO A 148 -2.08 2.70 -18.19
C PRO A 148 -3.55 2.84 -18.60
N GLY A 149 -4.41 3.21 -17.65
CA GLY A 149 -5.87 3.30 -17.90
C GLY A 149 -6.66 2.02 -17.66
N ASP A 150 -6.01 0.86 -17.75
CA ASP A 150 -6.66 -0.43 -17.50
C ASP A 150 -7.07 -0.47 -16.01
N GLU A 151 -8.31 -0.88 -15.76
CA GLU A 151 -8.86 -0.85 -14.40
C GLU A 151 -8.51 -2.06 -13.55
N ARG A 152 -7.97 -3.11 -14.19
CA ARG A 152 -7.54 -4.29 -13.45
C ARG A 152 -6.51 -3.88 -12.43
N ASP A 153 -6.58 -4.49 -11.25
CA ASP A 153 -5.57 -4.28 -10.18
C ASP A 153 -5.37 -2.82 -9.78
N THR A 154 -6.47 -2.04 -9.76
CA THR A 154 -6.41 -0.62 -9.38
C THR A 154 -7.19 -0.27 -8.11
N THR A 155 -6.83 0.87 -7.55
CA THR A 155 -7.55 1.53 -6.47
C THR A 155 -7.51 3.02 -6.84
N THR A 156 -7.98 3.88 -5.95
CA THR A 156 -7.81 5.30 -6.13
C THR A 156 -7.24 5.87 -4.82
N PRO A 157 -6.55 7.02 -4.89
CA PRO A 157 -6.05 7.58 -3.61
C PRO A 157 -7.16 7.72 -2.55
N HIS A 158 -8.35 8.11 -3.00
CA HIS A 158 -9.51 8.28 -2.10
C HIS A 158 -9.92 6.94 -1.46
N ALA A 159 -10.11 5.90 -2.29
CA ALA A 159 -10.60 4.61 -1.79
C ALA A 159 -9.63 3.98 -0.80
N ILE A 160 -8.34 3.98 -1.15
CA ILE A 160 -7.34 3.29 -0.33
C ILE A 160 -7.08 4.05 0.97
N ALA A 161 -7.16 5.38 0.92
CA ALA A 161 -7.06 6.20 2.14
C ALA A 161 -8.15 5.83 3.15
N LEU A 162 -9.40 5.68 2.67
CA LEU A 162 -10.49 5.34 3.57
C LEU A 162 -10.37 3.90 4.07
N VAL A 163 -9.89 2.98 3.24
CA VAL A 163 -9.62 1.62 3.73
C VAL A 163 -8.56 1.63 4.84
N LEU A 164 -7.43 2.29 4.58
CA LEU A 164 -6.33 2.33 5.56
C LEU A 164 -6.79 2.97 6.87
N GLN A 165 -7.54 4.07 6.76
CA GLN A 165 -8.14 4.74 7.93
C GLN A 165 -8.92 3.75 8.82
N GLN A 166 -9.77 2.93 8.21
CA GLN A 166 -10.57 1.97 8.97
C GLN A 166 -9.69 0.92 9.61
N LEU A 167 -8.67 0.46 8.89
CA LEU A 167 -7.75 -0.58 9.39
C LEU A 167 -6.91 -0.14 10.58
N VAL A 168 -6.34 1.06 10.47
CA VAL A 168 -5.37 1.54 11.44
C VAL A 168 -5.99 2.42 12.54
N LEU A 169 -6.89 3.32 12.15
CA LEU A 169 -7.46 4.29 13.09
C LEU A 169 -8.82 3.86 13.63
N GLY A 170 -9.60 3.20 12.79
CA GLY A 170 -10.93 2.74 13.15
C GLY A 170 -10.97 1.30 13.66
N ASN A 171 -12.15 0.70 13.58
CA ASN A 171 -12.47 -0.56 14.24
C ASN A 171 -12.65 -1.75 13.29
N ALA A 172 -12.09 -1.66 12.08
CA ALA A 172 -12.15 -2.79 11.14
C ALA A 172 -11.55 -4.07 11.77
N LEU A 173 -10.44 -3.92 12.51
CA LEU A 173 -9.82 -5.05 13.20
C LEU A 173 -9.95 -4.91 14.71
N PRO A 174 -10.01 -6.05 15.44
CA PRO A 174 -9.92 -5.99 16.90
C PRO A 174 -8.55 -5.43 17.32
N PRO A 175 -8.48 -4.78 18.50
CA PRO A 175 -7.24 -4.12 18.92
C PRO A 175 -5.96 -4.92 18.76
N ASP A 176 -5.97 -6.21 19.08
CA ASP A 176 -4.75 -7.01 18.99
C ASP A 176 -4.24 -7.20 17.57
N LYS A 177 -5.14 -7.50 16.64
CA LYS A 177 -4.81 -7.61 15.21
C LYS A 177 -4.48 -6.26 14.58
N ARG A 178 -5.19 -5.22 15.02
CA ARG A 178 -4.91 -3.84 14.59
C ARG A 178 -3.49 -3.40 14.95
N ALA A 179 -3.05 -3.76 16.16
CA ALA A 179 -1.67 -3.49 16.58
C ALA A 179 -0.63 -4.26 15.74
N LEU A 180 -0.91 -5.52 15.42
CA LEU A 180 -0.01 -6.31 14.58
C LEU A 180 0.24 -5.59 13.25
N LEU A 181 -0.84 -5.16 12.60
CA LEU A 181 -0.77 -4.49 11.31
C LEU A 181 -0.05 -3.15 11.41
N THR A 182 -0.42 -2.36 12.42
CA THR A 182 0.17 -1.05 12.65
C THR A 182 1.67 -1.14 12.89
N ASP A 183 2.09 -2.07 13.77
CA ASP A 183 3.51 -2.30 14.05
C ASP A 183 4.33 -2.75 12.84
N TRP A 184 3.78 -3.63 11.99
CA TRP A 184 4.48 -4.02 10.75
C TRP A 184 4.73 -2.80 9.86
N MET A 185 3.69 -1.99 9.68
CA MET A 185 3.81 -0.76 8.89
C MET A 185 4.77 0.26 9.52
N ALA A 186 4.78 0.33 10.85
CA ALA A 186 5.74 1.15 11.61
C ALA A 186 7.19 0.74 11.39
N ARG A 187 7.39 -0.53 11.12
CA ARG A 187 8.66 -1.13 10.97
C ARG A 187 9.04 -1.36 9.47
N ASN A 188 8.23 -0.82 8.59
CA ASN A 188 8.52 -0.92 7.16
C ASN A 188 9.95 -0.47 6.85
N THR A 189 10.62 -1.18 5.93
CA THR A 189 12.00 -0.81 5.52
C THR A 189 12.08 -0.17 4.13
N THR A 190 10.97 -0.10 3.41
CA THR A 190 11.03 0.30 2.00
C THR A 190 10.65 1.76 1.75
N GLY A 191 10.28 2.48 2.81
CA GLY A 191 9.56 3.76 2.68
C GLY A 191 10.29 5.03 3.08
N ALA A 192 11.60 4.94 3.38
CA ALA A 192 12.34 6.09 3.90
C ALA A 192 12.34 7.29 2.95
N LYS A 193 12.25 7.03 1.64
CA LYS A 193 12.37 8.10 0.64
C LYS A 193 11.03 8.58 0.04
N ARG A 194 9.92 8.24 0.69
CA ARG A 194 8.62 8.60 0.15
C ARG A 194 7.85 9.53 1.11
N ILE A 195 6.73 9.08 1.66
CA ILE A 195 5.96 9.93 2.58
C ILE A 195 6.81 10.35 3.77
N ARG A 196 7.54 9.39 4.35
CA ARG A 196 8.52 9.64 5.43
C ARG A 196 9.49 10.83 5.19
N ALA A 197 9.98 10.99 3.97
CA ALA A 197 10.90 12.08 3.63
C ALA A 197 10.23 13.46 3.64
N GLY A 198 8.90 13.48 3.51
CA GLY A 198 8.15 14.72 3.40
C GLY A 198 7.72 15.33 4.72
N PHE A 199 7.74 14.50 5.77
CA PHE A 199 7.28 14.89 7.12
C PHE A 199 8.46 15.04 8.07
N PRO A 200 8.40 16.06 8.97
CA PRO A 200 9.52 16.24 9.89
C PRO A 200 9.71 15.03 10.81
N ALA A 201 10.93 14.83 11.29
CA ALA A 201 11.30 13.72 12.18
C ALA A 201 10.40 13.48 13.39
N ASP A 202 9.85 14.56 13.96
CA ASP A 202 9.00 14.43 15.16
C ASP A 202 7.54 13.99 14.89
N TRP A 203 7.21 13.81 13.60
CA TRP A 203 5.94 13.17 13.20
C TRP A 203 6.21 11.67 13.02
N LYS A 204 5.35 10.85 13.63
CA LYS A 204 5.43 9.41 13.44
C LYS A 204 4.86 9.06 12.08
N VAL A 205 5.55 8.17 11.36
CA VAL A 205 5.09 7.69 10.06
C VAL A 205 5.11 6.16 10.01
N ILE A 206 3.99 5.56 9.61
CA ILE A 206 3.95 4.13 9.28
C ILE A 206 3.48 4.05 7.84
N ASP A 207 3.94 3.07 7.04
CA ASP A 207 3.58 3.03 5.63
C ASP A 207 3.71 1.68 4.91
N LYS A 208 3.15 1.64 3.70
CA LYS A 208 3.31 0.49 2.79
C LYS A 208 3.46 1.09 1.40
N THR A 209 4.55 0.74 0.73
CA THR A 209 4.91 1.31 -0.58
C THR A 209 4.40 0.43 -1.70
N GLY A 210 4.46 0.95 -2.92
CA GLY A 210 4.23 0.17 -4.13
C GLY A 210 5.08 0.75 -5.23
N THR A 211 5.53 -0.14 -6.10
CA THR A 211 6.39 0.21 -7.23
C THR A 211 6.04 -0.77 -8.36
N GLY A 212 5.98 -0.27 -9.60
CA GLY A 212 5.67 -1.10 -10.75
C GLY A 212 6.10 -0.49 -12.07
N ASP A 213 5.64 -1.10 -13.16
CA ASP A 213 6.03 -0.72 -14.50
C ASP A 213 5.32 0.58 -14.88
N TYR A 214 5.70 1.19 -15.99
CA TYR A 214 5.13 2.50 -16.38
C TYR A 214 5.43 3.59 -15.34
N GLY A 215 6.55 3.40 -14.62
CA GLY A 215 7.03 4.36 -13.67
C GLY A 215 6.13 4.54 -12.45
N ARG A 216 5.50 3.45 -12.01
CA ARG A 216 4.57 3.48 -10.88
C ARG A 216 5.30 3.51 -9.54
N ALA A 217 4.94 4.48 -8.72
CA ALA A 217 5.44 4.61 -7.35
C ALA A 217 4.31 5.11 -6.47
N ASN A 218 3.92 4.28 -5.50
CA ASN A 218 2.87 4.63 -4.53
C ASN A 218 3.42 4.62 -3.11
N ASP A 219 2.73 5.32 -2.21
CA ASP A 219 2.94 5.14 -0.78
C ASP A 219 1.64 5.47 -0.06
N ILE A 220 1.24 4.60 0.86
CA ILE A 220 0.08 4.86 1.70
C ILE A 220 0.56 4.82 3.15
N ALA A 221 0.16 5.81 3.93
CA ALA A 221 0.70 5.96 5.26
C ALA A 221 -0.35 6.41 6.24
N VAL A 222 -0.08 6.16 7.53
CA VAL A 222 -0.68 6.93 8.62
C VAL A 222 0.41 7.70 9.32
N VAL A 223 0.13 8.98 9.60
CA VAL A 223 1.13 9.85 10.23
C VAL A 223 0.48 10.46 11.46
N TRP A 224 1.29 10.76 12.46
CA TRP A 224 0.82 11.39 13.68
C TRP A 224 1.64 12.63 13.98
N SER A 225 0.97 13.76 14.18
CA SER A 225 1.66 15.00 14.52
C SER A 225 2.43 14.81 15.84
N PRO A 226 3.36 15.74 16.17
CA PRO A 226 4.04 15.64 17.46
C PRO A 226 3.08 15.66 18.67
N THR A 227 1.80 15.98 18.44
CA THR A 227 0.83 15.93 19.53
C THR A 227 -0.16 14.76 19.41
N GLY A 228 0.18 13.77 18.58
CA GLY A 228 -0.63 12.58 18.50
C GLY A 228 -1.90 12.72 17.68
N VAL A 229 -1.97 13.72 16.81
CA VAL A 229 -3.14 13.88 15.91
C VAL A 229 -2.84 13.08 14.64
N PRO A 230 -3.67 12.07 14.32
CA PRO A 230 -3.40 11.26 13.12
C PRO A 230 -4.03 11.75 11.81
N TYR A 231 -3.35 11.43 10.71
CA TYR A 231 -3.81 11.75 9.34
C TYR A 231 -3.46 10.58 8.42
N VAL A 232 -4.30 10.31 7.45
CA VAL A 232 -4.03 9.22 6.49
C VAL A 232 -3.59 9.91 5.21
N VAL A 233 -2.52 9.40 4.58
CA VAL A 233 -1.93 10.04 3.40
C VAL A 233 -1.76 8.97 2.35
N ALA A 234 -2.43 9.13 1.19
CA ALA A 234 -2.28 8.22 0.06
C ALA A 234 -1.70 9.00 -1.11
N VAL A 235 -0.51 8.58 -1.57
CA VAL A 235 0.12 9.22 -2.73
C VAL A 235 0.42 8.13 -3.75
N MET A 236 -0.05 8.35 -4.99
CA MET A 236 0.09 7.39 -6.06
C MET A 236 0.57 8.14 -7.31
N SER A 237 1.39 7.48 -8.13
CA SER A 237 1.95 8.13 -9.33
C SER A 237 2.31 7.12 -10.36
N ASP A 238 2.35 7.55 -11.63
CA ASP A 238 2.93 6.78 -12.73
C ASP A 238 3.54 7.75 -13.69
N ARG A 239 4.42 7.25 -14.55
CA ARG A 239 5.08 8.04 -15.59
C ARG A 239 4.85 7.33 -16.94
N ALA A 240 3.58 7.04 -17.21
CA ALA A 240 3.14 6.25 -18.36
C ALA A 240 3.65 6.81 -19.69
N GLY A 241 3.87 8.11 -19.71
CA GLY A 241 4.47 8.80 -20.86
C GLY A 241 5.83 8.27 -21.26
N GLY A 242 6.51 7.56 -20.35
CA GLY A 242 7.80 6.89 -20.67
C GLY A 242 7.70 5.43 -21.10
N GLY A 243 6.48 4.92 -21.20
CA GLY A 243 6.29 3.54 -21.59
C GLY A 243 6.50 2.60 -20.42
N TYR A 244 6.51 1.30 -20.70
CA TYR A 244 6.63 0.22 -19.71
C TYR A 244 7.87 0.32 -18.81
N ASP A 245 8.99 0.74 -19.41
CA ASP A 245 10.28 0.82 -18.73
C ASP A 245 10.56 2.20 -18.09
N ALA A 246 9.55 3.09 -18.03
CA ALA A 246 9.73 4.36 -17.33
C ALA A 246 10.19 4.10 -15.89
N GLU A 247 11.17 4.86 -15.43
CA GLU A 247 11.68 4.72 -14.08
C GLU A 247 10.70 5.27 -13.04
N PRO A 248 10.40 4.47 -12.00
CA PRO A 248 9.61 5.00 -10.88
C PRO A 248 10.42 6.08 -10.21
N ARG A 249 9.76 7.13 -9.70
CA ARG A 249 10.51 8.25 -9.12
C ARG A 249 10.04 8.62 -7.71
N GLU A 250 10.72 8.07 -6.71
CA GLU A 250 10.38 8.27 -5.29
C GLU A 250 10.36 9.73 -4.88
N ALA A 251 11.28 10.50 -5.46
CA ALA A 251 11.41 11.91 -5.18
C ALA A 251 10.10 12.66 -5.39
N LEU A 252 9.31 12.23 -6.38
CA LEU A 252 7.99 12.83 -6.61
C LEU A 252 7.08 12.70 -5.39
N LEU A 253 7.07 11.50 -4.81
CA LEU A 253 6.27 11.22 -3.63
C LEU A 253 6.79 11.97 -2.41
N ALA A 254 8.12 12.05 -2.25
CA ALA A 254 8.72 12.85 -1.19
C ALA A 254 8.30 14.32 -1.29
N GLU A 255 8.37 14.88 -2.49
CA GLU A 255 7.99 16.27 -2.71
C GLU A 255 6.50 16.51 -2.46
N ALA A 256 5.65 15.61 -2.96
CA ALA A 256 4.21 15.71 -2.74
C ALA A 256 3.91 15.63 -1.24
N ALA A 257 4.53 14.66 -0.56
CA ALA A 257 4.36 14.54 0.88
C ALA A 257 4.81 15.82 1.62
N THR A 258 5.88 16.47 1.14
CA THR A 258 6.37 17.73 1.76
C THR A 258 5.29 18.80 1.65
N CYS A 259 4.64 18.85 0.48
CA CYS A 259 3.55 19.78 0.24
C CYS A 259 2.39 19.52 1.19
N VAL A 260 2.02 18.25 1.34
CA VAL A 260 0.98 17.85 2.30
C VAL A 260 1.33 18.21 3.74
N ALA A 261 2.56 17.90 4.17
CA ALA A 261 3.01 18.16 5.54
C ALA A 261 2.99 19.66 5.85
N GLY A 262 3.36 20.46 4.87
CA GLY A 262 3.26 21.91 4.92
C GLY A 262 1.86 22.38 5.32
N VAL A 263 0.85 21.80 4.70
CA VAL A 263 -0.55 22.15 4.99
C VAL A 263 -1.02 21.65 6.38
N LEU A 264 -0.60 20.44 6.75
CA LEU A 264 -1.01 19.81 8.01
C LEU A 264 -0.28 20.31 9.27
N ALA A 265 0.86 20.99 9.10
CA ALA A 265 1.61 21.50 10.25
C ALA A 265 1.06 22.83 10.78
P PO4 B . 2.66 -17.14 -14.31
O1 PO4 B . 4.01 -16.99 -14.97
O2 PO4 B . 2.31 -15.91 -13.52
O3 PO4 B . 1.68 -17.34 -15.44
O4 PO4 B . 2.60 -18.36 -13.40
P PO4 C . 8.28 -6.30 -13.68
O1 PO4 C . 8.97 -5.31 -14.59
O2 PO4 C . 6.79 -6.24 -13.92
O3 PO4 C . 8.80 -7.66 -14.06
O4 PO4 C . 8.51 -5.96 -12.22
C 2RG D . 14.68 -5.11 -3.78
N 2RG D . 13.40 -3.01 -4.38
O 2RG D . 14.67 -5.48 -4.96
CA 2RG D . 14.13 -3.72 -3.30
CB 2RG D . 13.12 -3.90 -2.15
CD 2RG D . 12.41 -2.19 -3.63
CG 2RG D . 11.86 -3.19 -2.63
CAA 2RG D . 5.16 -4.24 -5.16
CAB 2RG D . 6.41 -4.84 -5.80
OAC 2RG D . 4.98 -2.84 -5.34
CAD 2RG D . 7.60 -4.67 -4.84
CAE 2RG D . 6.04 -6.29 -6.11
CAF 2RG D . 7.17 -7.12 -6.70
OAG 2RG D . 5.50 -6.93 -4.92
CAH 2RG D . 8.93 -4.29 -5.56
CAI 2RG D . 9.62 -3.39 -4.52
NAJ 2RG D . 7.32 -3.54 -3.93
SAK 2RG D . 10.69 -4.39 -3.40
CAL 2RG D . 8.41 -2.81 -3.78
CAM 2RG D . 8.39 -1.53 -2.97
CAS 2RG D . 8.72 -3.60 -6.90
OAT 2RG D . 7.31 -1.20 -2.45
OAU 2RG D . 9.44 -0.87 -2.85
NAX 2RG D . 15.20 -5.80 -2.76
CAY 2RG D . 15.76 -7.02 -2.79
CAZ 2RG D . 15.21 -8.09 -3.51
CBA 2RG D . 15.82 -9.34 -3.45
CBB 2RG D . 16.96 -9.52 -2.67
CBC 2RG D . 17.51 -8.48 -1.95
CBD 2RG D . 16.89 -7.22 -1.99
CBE 2RG D . 15.25 -10.53 -4.22
OBF 2RG D . 14.23 -10.37 -4.90
OBG 2RG D . 15.84 -11.61 -4.12
#